data_9HD1
#
_entry.id   9HD1
#
_cell.length_a   51.646
_cell.length_b   51.646
_cell.length_c   147.175
_cell.angle_alpha   90.00
_cell.angle_beta   90.00
_cell.angle_gamma   90.00
#
_symmetry.space_group_name_H-M   'P 41 21 2'
#
loop_
_entity.id
_entity.type
_entity.pdbx_description
1 polymer 'Telomeric repeat-binding factor 1'
2 non-polymer N-propan-2-ylurea
3 non-polymer 1,2-ETHANEDIOL
4 non-polymer 'PENTAETHYLENE GLYCOL'
5 non-polymer 'CALCIUM ION'
6 water water
#
_entity_poly.entity_id   1
_entity_poly.type   'polypeptide(L)'
_entity_poly.pdbx_seq_one_letter_code
;SNAQVQVGAPEEEEEEEEDAGLVAEAEAVAAGWMLDFLCLSLCRAFRDGRSEDFRRTRNSAEAIIHGLSSLTACQLRTIY
ICQFLTRIAAGKTLDAQFENDERITPLESALMIWGSIEKEHDKLHEEIQNLIKIQAIAVCMENGNFKEAEEVFERIFGDP
NSHMPFKSKLLMIISQKDTFHSFFQHFSYNHMMEKIKSYVNYVLSEKSSTFLMKAAAKVVESKR
;
_entity_poly.pdbx_strand_id   A
#
# COMPACT_ATOMS: atom_id res chain seq x y z
N GLU A 16 -34.82 -22.90 -10.46
CA GLU A 16 -34.51 -22.16 -9.25
C GLU A 16 -33.01 -22.18 -8.96
N GLU A 17 -32.37 -23.35 -9.08
CA GLU A 17 -30.93 -23.49 -8.82
C GLU A 17 -30.12 -22.78 -9.90
N GLU A 18 -30.60 -22.81 -11.16
CA GLU A 18 -29.97 -22.15 -12.29
C GLU A 18 -30.03 -20.63 -12.10
N ASP A 19 -31.17 -20.12 -11.59
CA ASP A 19 -31.36 -18.69 -11.31
C ASP A 19 -30.41 -18.27 -10.20
N ALA A 20 -30.34 -19.06 -9.11
CA ALA A 20 -29.43 -18.80 -7.99
C ALA A 20 -27.97 -18.73 -8.45
N GLY A 21 -27.61 -19.61 -9.39
CA GLY A 21 -26.26 -19.66 -9.95
C GLY A 21 -25.94 -18.42 -10.77
N LEU A 22 -26.91 -17.98 -11.58
CA LEU A 22 -26.74 -16.78 -12.41
C LEU A 22 -26.65 -15.53 -11.53
N VAL A 23 -27.44 -15.50 -10.45
CA VAL A 23 -27.43 -14.41 -9.48
C VAL A 23 -26.06 -14.33 -8.79
N ALA A 24 -25.50 -15.48 -8.34
CA ALA A 24 -24.18 -15.48 -7.70
C ALA A 24 -23.09 -15.00 -8.66
N GLU A 25 -23.22 -15.39 -9.94
CA GLU A 25 -22.26 -14.95 -10.95
C GLU A 25 -22.36 -13.44 -11.14
N ALA A 26 -23.59 -12.91 -11.18
CA ALA A 26 -23.80 -11.47 -11.34
C ALA A 26 -23.23 -10.71 -10.14
N GLU A 27 -23.44 -11.25 -8.91
CA GLU A 27 -22.85 -10.64 -7.71
C GLU A 27 -21.33 -10.60 -7.77
N ALA A 28 -20.68 -11.66 -8.33
CA ALA A 28 -19.22 -11.70 -8.46
C ALA A 28 -18.74 -10.62 -9.44
N VAL A 29 -19.49 -10.45 -10.55
CA VAL A 29 -19.14 -9.41 -11.56
C VAL A 29 -19.24 -8.03 -10.90
N ALA A 30 -20.33 -7.78 -10.19
CA ALA A 30 -20.53 -6.47 -9.52
C ALA A 30 -19.46 -6.22 -8.45
N ALA A 31 -19.10 -7.26 -7.69
CA ALA A 31 -18.07 -7.12 -6.67
C ALA A 31 -16.72 -6.75 -7.28
N GLY A 32 -16.42 -7.30 -8.46
CA GLY A 32 -15.17 -6.98 -9.16
C GLY A 32 -15.18 -5.51 -9.58
N TRP A 33 -16.33 -5.04 -10.06
CA TRP A 33 -16.44 -3.62 -10.45
C TRP A 33 -16.28 -2.71 -9.24
N MET A 34 -16.88 -3.11 -8.09
CA MET A 34 -16.79 -2.33 -6.85
C MET A 34 -15.34 -2.31 -6.35
N LEU A 35 -14.62 -3.43 -6.44
CA LEU A 35 -13.22 -3.49 -6.00
C LEU A 35 -12.36 -2.47 -6.78
N ASP A 36 -12.51 -2.42 -8.12
CA ASP A 36 -11.72 -1.49 -8.94
C ASP A 36 -12.04 -0.04 -8.59
N PHE A 37 -13.36 0.27 -8.44
CA PHE A 37 -13.75 1.64 -8.08
C PHE A 37 -13.17 2.04 -6.70
N LEU A 38 -13.27 1.13 -5.72
CA LEU A 38 -12.76 1.41 -4.37
C LEU A 38 -11.22 1.56 -4.36
N CYS A 39 -10.52 0.78 -5.19
CA CYS A 39 -9.07 0.93 -5.33
C CYS A 39 -8.73 2.33 -5.87
N LEU A 40 -9.44 2.78 -6.92
CA LEU A 40 -9.23 4.10 -7.49
C LEU A 40 -9.49 5.20 -6.44
N SER A 41 -10.56 5.04 -5.66
CA SER A 41 -10.89 6.02 -4.62
CA SER A 41 -10.92 5.98 -4.62
C SER A 41 -9.86 6.04 -3.50
N LEU A 42 -9.33 4.87 -3.12
CA LEU A 42 -8.31 4.74 -2.08
C LEU A 42 -7.00 5.41 -2.59
N CYS A 43 -6.61 5.15 -3.85
CA CYS A 43 -5.43 5.75 -4.47
C CYS A 43 -5.54 7.26 -4.45
N ARG A 44 -6.70 7.81 -4.85
CA ARG A 44 -6.89 9.25 -4.88
CA ARG A 44 -6.90 9.25 -4.88
C ARG A 44 -6.80 9.84 -3.49
N ALA A 45 -7.44 9.19 -2.48
CA ALA A 45 -7.39 9.70 -1.11
C ALA A 45 -5.96 9.70 -0.58
N PHE A 46 -5.18 8.66 -0.94
CA PHE A 46 -3.78 8.57 -0.52
C PHE A 46 -2.97 9.70 -1.17
N ARG A 47 -3.11 9.88 -2.48
CA ARG A 47 -2.40 10.92 -3.23
C ARG A 47 -2.71 12.33 -2.69
N ASP A 48 -4.00 12.58 -2.40
CA ASP A 48 -4.47 13.88 -1.89
C ASP A 48 -4.20 14.12 -0.40
N GLY A 49 -3.86 13.08 0.33
CA GLY A 49 -3.67 13.19 1.77
C GLY A 49 -5.00 13.37 2.50
N ARG A 50 -6.10 12.83 1.94
CA ARG A 50 -7.42 12.93 2.57
C ARG A 50 -7.55 11.75 3.51
N SER A 51 -7.04 11.92 4.74
CA SER A 51 -6.96 10.85 5.74
CA SER A 51 -6.96 10.87 5.76
C SER A 51 -8.28 10.17 6.11
N GLU A 52 -9.32 10.95 6.35
CA GLU A 52 -10.63 10.40 6.73
C GLU A 52 -11.27 9.65 5.58
N ASP A 53 -11.21 10.22 4.36
CA ASP A 53 -11.71 9.52 3.17
C ASP A 53 -10.94 8.21 2.96
N PHE A 54 -9.63 8.23 3.20
CA PHE A 54 -8.82 7.01 3.07
C PHE A 54 -9.32 5.94 4.07
N ARG A 55 -9.54 6.31 5.34
CA ARG A 55 -10.03 5.37 6.36
C ARG A 55 -11.38 4.76 5.95
N ARG A 56 -12.34 5.60 5.54
CA ARG A 56 -13.67 5.11 5.17
C ARG A 56 -13.61 4.24 3.92
N THR A 57 -12.78 4.64 2.93
CA THR A 57 -12.65 3.83 1.70
C THR A 57 -11.98 2.49 2.01
N ARG A 58 -11.00 2.50 2.92
CA ARG A 58 -10.33 1.26 3.38
C ARG A 58 -11.36 0.29 3.95
N ASN A 59 -12.28 0.80 4.79
CA ASN A 59 -13.33 -0.02 5.40
C ASN A 59 -14.21 -0.66 4.33
N SER A 60 -14.59 0.15 3.32
CA SER A 60 -15.43 -0.35 2.22
C SER A 60 -14.70 -1.40 1.37
N ALA A 61 -13.43 -1.14 1.04
CA ALA A 61 -12.63 -2.08 0.25
C ALA A 61 -12.47 -3.42 0.98
N GLU A 62 -12.17 -3.38 2.28
CA GLU A 62 -12.01 -4.63 3.06
C GLU A 62 -13.30 -5.47 3.00
N ALA A 63 -14.45 -4.82 3.17
CA ALA A 63 -15.74 -5.54 3.19
C ALA A 63 -16.03 -6.20 1.84
N ILE A 64 -15.86 -5.46 0.74
CA ILE A 64 -16.12 -6.01 -0.62
C ILE A 64 -15.18 -7.19 -0.88
N ILE A 65 -13.93 -7.07 -0.44
CA ILE A 65 -12.92 -8.14 -0.66
C ILE A 65 -13.39 -9.43 0.02
N HIS A 66 -13.96 -9.32 1.22
CA HIS A 66 -14.42 -10.52 1.97
C HIS A 66 -15.62 -11.17 1.27
N GLY A 67 -16.25 -10.46 0.34
CA GLY A 67 -17.38 -11.02 -0.42
C GLY A 67 -16.93 -11.60 -1.76
N LEU A 68 -15.63 -11.52 -2.04
CA LEU A 68 -15.08 -12.10 -3.31
C LEU A 68 -14.44 -13.46 -2.99
N SER A 69 -14.71 -14.47 -3.81
CA SER A 69 -14.06 -15.80 -3.62
C SER A 69 -12.89 -15.94 -4.60
N SER A 70 -13.15 -16.48 -5.79
CA SER A 70 -12.10 -16.61 -6.82
CA SER A 70 -12.10 -16.61 -6.82
C SER A 70 -11.62 -15.26 -7.39
N LEU A 71 -10.30 -15.12 -7.50
CA LEU A 71 -9.76 -13.82 -7.95
C LEU A 71 -8.92 -13.95 -9.22
N THR A 72 -9.06 -13.00 -10.14
CA THR A 72 -8.19 -12.97 -11.33
C THR A 72 -6.81 -12.46 -10.89
N ALA A 73 -5.79 -12.62 -11.73
CA ALA A 73 -4.44 -12.09 -11.41
C ALA A 73 -4.54 -10.58 -11.22
N CYS A 74 -5.35 -9.91 -12.05
N CYS A 74 -5.34 -9.91 -12.06
CA CYS A 74 -5.49 -8.43 -11.96
CA CYS A 74 -5.50 -8.44 -11.96
C CYS A 74 -6.15 -8.06 -10.63
C CYS A 74 -6.15 -8.07 -10.62
N GLN A 75 -7.18 -8.82 -10.22
CA GLN A 75 -7.89 -8.54 -8.95
C GLN A 75 -6.92 -8.72 -7.76
N LEU A 76 -6.06 -9.75 -7.81
CA LEU A 76 -5.05 -9.93 -6.74
C LEU A 76 -4.13 -8.72 -6.71
N ARG A 77 -3.68 -8.26 -7.89
N ARG A 77 -3.70 -8.24 -7.89
CA ARG A 77 -2.80 -7.07 -7.98
CA ARG A 77 -2.81 -7.06 -7.97
C ARG A 77 -3.52 -5.87 -7.35
C ARG A 77 -3.52 -5.85 -7.37
N THR A 78 -4.80 -5.68 -7.69
CA THR A 78 -5.58 -4.52 -7.15
C THR A 78 -5.64 -4.62 -5.62
N ILE A 79 -5.89 -5.81 -5.08
CA ILE A 79 -5.96 -6.00 -3.61
C ILE A 79 -4.60 -5.68 -3.01
N TYR A 80 -3.54 -6.19 -3.63
CA TYR A 80 -2.15 -5.91 -3.15
C TYR A 80 -1.91 -4.40 -3.11
N ILE A 81 -2.31 -3.69 -4.17
CA ILE A 81 -2.10 -2.23 -4.19
C ILE A 81 -2.84 -1.59 -2.99
N CYS A 82 -4.09 -2.03 -2.73
CA CYS A 82 -4.86 -1.50 -1.56
C CYS A 82 -4.15 -1.84 -0.26
N GLN A 83 -3.68 -3.09 -0.12
CA GLN A 83 -3.02 -3.51 1.11
C GLN A 83 -1.70 -2.74 1.30
N PHE A 84 -0.95 -2.55 0.22
CA PHE A 84 0.32 -1.83 0.28
C PHE A 84 0.08 -0.39 0.78
N LEU A 85 -0.88 0.32 0.17
CA LEU A 85 -1.14 1.71 0.58
C LEU A 85 -1.60 1.79 2.04
N THR A 86 -2.38 0.80 2.49
CA THR A 86 -2.85 0.79 3.88
C THR A 86 -1.69 0.67 4.86
N ARG A 87 -0.73 -0.21 4.54
CA ARG A 87 0.45 -0.38 5.40
C ARG A 87 1.33 0.85 5.39
N ILE A 88 1.49 1.50 4.22
CA ILE A 88 2.30 2.71 4.12
C ILE A 88 1.63 3.84 4.94
N ALA A 89 0.31 3.95 4.84
CA ALA A 89 -0.42 4.98 5.63
C ALA A 89 -0.26 4.71 7.14
N ALA A 90 -0.14 3.45 7.54
CA ALA A 90 0.09 3.05 8.94
C ALA A 90 1.57 2.86 9.31
N GLY A 91 2.50 3.32 8.44
CA GLY A 91 3.93 3.09 8.64
C GLY A 91 4.52 3.58 9.95
N LYS A 92 3.97 4.66 10.51
CA LYS A 92 4.42 5.19 11.80
C LYS A 92 3.61 4.63 12.99
N THR A 93 2.62 3.77 12.74
CA THR A 93 1.75 3.21 13.78
C THR A 93 2.35 1.86 14.21
N LEU A 94 3.41 1.87 15.04
CA LEU A 94 4.10 0.64 15.44
C LEU A 94 3.25 -0.33 16.27
N ASP A 95 2.08 0.12 16.76
CA ASP A 95 1.14 -0.76 17.47
C ASP A 95 0.25 -1.55 16.48
N ALA A 96 0.25 -1.22 15.17
CA ALA A 96 -0.59 -1.89 14.17
C ALA A 96 0.02 -3.23 13.77
N GLN A 97 -0.76 -4.31 13.86
CA GLN A 97 -0.28 -5.66 13.52
C GLN A 97 -0.96 -6.10 12.23
N PHE A 98 -0.23 -6.13 11.11
CA PHE A 98 -0.81 -6.55 9.84
C PHE A 98 -0.60 -8.02 9.51
N GLU A 99 0.33 -8.68 10.19
CA GLU A 99 0.64 -10.09 9.90
C GLU A 99 0.32 -10.98 11.08
N ASN A 100 0.17 -12.30 10.83
CA ASN A 100 -0.03 -13.28 11.92
C ASN A 100 1.14 -13.22 12.89
N ASP A 101 2.37 -13.05 12.37
CA ASP A 101 3.55 -12.86 13.21
C ASP A 101 3.49 -11.42 13.71
N GLU A 102 3.21 -11.25 15.00
CA GLU A 102 3.07 -9.95 15.65
C GLU A 102 4.35 -9.09 15.65
N ARG A 103 5.51 -9.68 15.32
CA ARG A 103 6.77 -8.91 15.30
C ARG A 103 6.91 -8.03 14.04
N ILE A 104 6.21 -8.38 12.95
CA ILE A 104 6.36 -7.67 11.69
C ILE A 104 5.73 -6.29 11.74
N THR A 105 6.54 -5.24 11.52
CA THR A 105 6.05 -3.86 11.55
C THR A 105 5.31 -3.51 10.25
N PRO A 106 4.50 -2.43 10.27
CA PRO A 106 3.75 -2.08 9.05
C PRO A 106 4.60 -1.84 7.80
N LEU A 107 5.73 -1.14 7.91
CA LEU A 107 6.59 -0.92 6.73
C LEU A 107 7.22 -2.25 6.23
N GLU A 108 7.49 -3.20 7.15
CA GLU A 108 8.00 -4.53 6.72
C GLU A 108 6.88 -5.26 5.96
N SER A 109 5.63 -5.16 6.43
CA SER A 109 4.50 -5.77 5.73
C SER A 109 4.34 -5.13 4.34
N ALA A 110 4.53 -3.81 4.21
CA ALA A 110 4.45 -3.10 2.91
C ALA A 110 5.54 -3.58 1.97
N LEU A 111 6.77 -3.83 2.52
CA LEU A 111 7.89 -4.32 1.72
C LEU A 111 7.59 -5.71 1.16
N MET A 112 6.96 -6.57 1.98
CA MET A 112 6.61 -7.93 1.55
C MET A 112 5.64 -7.90 0.38
N ILE A 113 4.64 -7.01 0.43
CA ILE A 113 3.64 -6.89 -0.64
C ILE A 113 4.29 -6.28 -1.87
N TRP A 114 5.15 -5.27 -1.69
CA TRP A 114 5.83 -4.60 -2.81
C TRP A 114 6.65 -5.61 -3.63
N GLY A 115 7.25 -6.58 -2.96
CA GLY A 115 8.02 -7.64 -3.61
C GLY A 115 7.20 -8.78 -4.19
N SER A 116 5.88 -8.81 -3.94
CA SER A 116 4.92 -9.82 -4.39
C SER A 116 4.08 -9.36 -5.57
N ILE A 117 3.86 -8.06 -5.72
CA ILE A 117 3.06 -7.51 -6.81
C ILE A 117 3.66 -7.87 -8.16
N GLU A 118 2.82 -8.34 -9.12
CA GLU A 118 3.29 -8.65 -10.47
C GLU A 118 3.35 -7.30 -11.19
N LYS A 119 4.52 -6.68 -11.19
CA LYS A 119 4.71 -5.38 -11.77
C LYS A 119 6.16 -5.24 -12.24
N GLU A 120 6.42 -4.22 -13.07
CA GLU A 120 7.78 -4.02 -13.56
C GLU A 120 8.73 -3.59 -12.43
N HIS A 121 9.96 -4.10 -12.44
CA HIS A 121 10.96 -3.70 -11.46
C HIS A 121 11.84 -2.68 -12.11
N ASP A 122 11.25 -1.51 -12.34
CA ASP A 122 11.96 -0.40 -12.96
C ASP A 122 12.72 0.38 -11.87
N LYS A 123 13.40 1.49 -12.24
CA LYS A 123 14.19 2.24 -11.27
C LYS A 123 13.29 2.76 -10.12
N LEU A 124 12.07 3.21 -10.45
CA LEU A 124 11.16 3.71 -9.39
C LEU A 124 10.82 2.60 -8.40
N HIS A 125 10.62 1.37 -8.90
CA HIS A 125 10.31 0.23 -8.03
C HIS A 125 11.40 0.02 -6.98
N GLU A 126 12.68 0.03 -7.44
CA GLU A 126 13.80 -0.20 -6.52
C GLU A 126 14.02 0.97 -5.57
N GLU A 127 13.79 2.19 -6.04
CA GLU A 127 13.91 3.39 -5.18
C GLU A 127 12.89 3.37 -4.06
N ILE A 128 11.62 3.01 -4.37
CA ILE A 128 10.59 2.91 -3.33
C ILE A 128 10.96 1.78 -2.37
N GLN A 129 11.41 0.64 -2.91
CA GLN A 129 11.82 -0.49 -2.08
C GLN A 129 12.89 -0.07 -1.03
N ASN A 130 13.95 0.59 -1.50
CA ASN A 130 15.04 1.00 -0.62
C ASN A 130 14.63 2.08 0.34
N LEU A 131 13.73 2.98 -0.05
CA LEU A 131 13.24 4.01 0.87
C LEU A 131 12.39 3.34 1.99
N ILE A 132 11.58 2.34 1.64
CA ILE A 132 10.80 1.63 2.67
C ILE A 132 11.76 0.90 3.65
N LYS A 133 12.84 0.28 3.14
CA LYS A 133 13.79 -0.42 4.02
C LYS A 133 14.42 0.57 5.02
N ILE A 134 14.83 1.74 4.53
CA ILE A 134 15.45 2.75 5.39
C ILE A 134 14.43 3.25 6.43
N GLN A 135 13.22 3.62 5.97
CA GLN A 135 12.22 4.12 6.89
C GLN A 135 11.73 3.06 7.88
N ALA A 136 11.74 1.78 7.51
CA ALA A 136 11.33 0.71 8.44
C ALA A 136 12.23 0.73 9.69
N ILE A 137 13.52 1.05 9.52
CA ILE A 137 14.44 1.20 10.63
C ILE A 137 14.23 2.58 11.30
N ALA A 138 14.18 3.66 10.49
CA ALA A 138 14.00 5.02 11.00
C ALA A 138 12.82 5.18 11.95
N VAL A 139 11.66 4.59 11.60
CA VAL A 139 10.47 4.76 12.46
C VAL A 139 10.71 4.13 13.84
N CYS A 140 11.47 3.02 13.90
CA CYS A 140 11.75 2.39 15.21
C CYS A 140 12.68 3.31 16.00
N MET A 141 13.72 3.83 15.36
CA MET A 141 14.70 4.71 16.00
CA MET A 141 14.67 4.71 16.03
C MET A 141 14.01 5.95 16.59
N GLU A 142 13.13 6.58 15.79
CA GLU A 142 12.43 7.79 16.21
C GLU A 142 11.56 7.58 17.45
N ASN A 143 11.06 6.37 17.66
CA ASN A 143 10.27 6.05 18.86
C ASN A 143 11.13 5.56 20.05
N GLY A 144 12.44 5.56 19.91
CA GLY A 144 13.35 5.06 20.94
C GLY A 144 13.35 3.55 21.03
N ASN A 145 12.89 2.84 19.97
CA ASN A 145 12.86 1.38 19.96
C ASN A 145 14.12 0.86 19.27
N PHE A 146 15.29 0.97 19.93
CA PHE A 146 16.60 0.59 19.40
C PHE A 146 16.77 -0.89 19.16
N LYS A 147 16.33 -1.73 20.10
CA LYS A 147 16.42 -3.18 19.93
C LYS A 147 15.47 -3.61 18.80
N GLU A 148 14.28 -2.99 18.70
CA GLU A 148 13.35 -3.36 17.62
C GLU A 148 13.94 -2.94 16.25
N ALA A 149 14.65 -1.78 16.21
CA ALA A 149 15.29 -1.34 14.96
C ALA A 149 16.32 -2.38 14.48
N GLU A 150 17.11 -2.94 15.43
CA GLU A 150 18.11 -3.96 15.10
C GLU A 150 17.43 -5.26 14.61
N GLU A 151 16.26 -5.59 15.19
CA GLU A 151 15.53 -6.79 14.78
C GLU A 151 14.93 -6.62 13.39
N VAL A 152 14.41 -5.43 13.09
CA VAL A 152 13.86 -5.08 11.77
C VAL A 152 15.00 -5.15 10.76
N PHE A 153 16.15 -4.58 11.10
CA PHE A 153 17.36 -4.66 10.25
C PHE A 153 17.72 -6.10 9.88
N GLU A 154 17.71 -7.02 10.87
CA GLU A 154 18.06 -8.40 10.62
C GLU A 154 17.06 -9.10 9.70
N ARG A 155 15.76 -8.81 9.88
CA ARG A 155 14.75 -9.43 9.04
C ARG A 155 14.83 -8.92 7.62
N ILE A 156 15.07 -7.61 7.45
CA ILE A 156 15.09 -7.02 6.12
C ILE A 156 16.25 -7.52 5.32
N PHE A 157 17.44 -7.51 5.92
CA PHE A 157 18.62 -8.01 5.20
C PHE A 157 18.73 -9.56 5.19
N GLY A 158 17.75 -10.26 5.74
CA GLY A 158 17.68 -11.71 5.74
C GLY A 158 16.88 -12.22 4.56
N MET A 164 25.90 -3.84 0.83
CA MET A 164 26.83 -3.80 2.01
C MET A 164 27.01 -2.35 2.49
N PRO A 165 27.37 -1.37 1.65
CA PRO A 165 27.63 -0.01 2.12
C PRO A 165 26.37 0.59 2.76
N PHE A 166 25.22 0.47 2.08
CA PHE A 166 23.93 0.98 2.63
C PHE A 166 23.63 0.26 3.94
N LYS A 167 23.76 -1.06 3.93
CA LYS A 167 23.48 -1.88 5.14
C LYS A 167 24.41 -1.46 6.28
N SER A 168 25.69 -1.25 5.99
CA SER A 168 26.69 -0.92 7.05
C SER A 168 26.38 0.41 7.72
N LYS A 169 26.02 1.44 6.94
CA LYS A 169 25.69 2.77 7.51
C LYS A 169 24.47 2.63 8.43
N LEU A 170 23.46 1.85 8.01
CA LEU A 170 22.23 1.68 8.82
C LEU A 170 22.59 1.01 10.15
N LEU A 171 23.43 -0.02 10.11
CA LEU A 171 23.76 -0.75 11.36
C LEU A 171 24.49 0.22 12.30
N MET A 172 25.39 1.03 11.75
N MET A 172 25.39 1.03 11.75
CA MET A 172 26.16 2.00 12.58
CA MET A 172 26.15 2.00 12.58
C MET A 172 25.19 2.99 13.23
C MET A 172 25.19 2.99 13.23
N ILE A 173 24.20 3.46 12.47
CA ILE A 173 23.20 4.43 13.02
C ILE A 173 22.45 3.76 14.18
N ILE A 174 22.02 2.52 13.98
CA ILE A 174 21.28 1.79 15.04
C ILE A 174 22.19 1.67 16.28
N SER A 175 23.46 1.29 16.06
CA SER A 175 24.42 1.10 17.19
C SER A 175 24.62 2.42 17.95
N GLN A 176 24.61 3.55 17.23
CA GLN A 176 24.80 4.87 17.88
C GLN A 176 23.54 5.27 18.65
N LYS A 177 22.46 4.50 18.50
CA LYS A 177 21.21 4.75 19.26
C LYS A 177 20.81 6.23 19.10
N ASP A 178 20.95 6.77 17.90
CA ASP A 178 20.54 8.17 17.66
C ASP A 178 19.08 8.21 17.18
N THR A 179 18.19 8.81 17.98
CA THR A 179 16.75 8.92 17.64
C THR A 179 16.57 9.74 16.37
N PHE A 180 17.61 10.50 15.97
CA PHE A 180 17.57 11.32 14.74
C PHE A 180 18.94 11.27 14.09
N HIS A 181 19.00 11.24 12.77
CA HIS A 181 20.30 11.22 12.04
C HIS A 181 20.11 11.90 10.68
N SER A 182 21.13 12.57 10.18
CA SER A 182 21.07 13.29 8.87
C SER A 182 20.65 12.34 7.75
N PHE A 183 21.09 11.07 7.82
CA PHE A 183 20.82 10.09 6.74
C PHE A 183 19.31 9.95 6.56
N PHE A 184 18.56 9.90 7.66
CA PHE A 184 17.10 9.72 7.60
C PHE A 184 16.43 11.00 7.09
N GLN A 185 17.09 12.16 7.28
CA GLN A 185 16.55 13.45 6.76
C GLN A 185 16.78 13.49 5.25
N HIS A 186 17.86 12.88 4.76
CA HIS A 186 18.11 12.80 3.30
C HIS A 186 17.15 11.79 2.68
N PHE A 187 17.13 10.56 3.21
CA PHE A 187 16.20 9.50 2.72
C PHE A 187 15.01 9.52 3.69
N SER A 188 14.20 10.55 3.62
CA SER A 188 13.14 10.79 4.58
C SER A 188 11.82 10.09 4.34
N TYR A 189 10.94 10.10 5.37
CA TYR A 189 9.60 9.54 5.27
C TYR A 189 8.81 10.29 4.18
N ASN A 190 9.00 11.63 4.12
CA ASN A 190 8.33 12.47 3.11
C ASN A 190 8.80 12.10 1.70
N HIS A 191 10.11 11.84 1.54
CA HIS A 191 10.66 11.43 0.25
CA HIS A 191 10.68 11.44 0.26
C HIS A 191 10.07 10.09 -0.18
N MET A 192 9.93 9.15 0.77
CA MET A 192 9.31 7.84 0.49
C MET A 192 7.86 8.05 0.04
N MET A 193 7.10 8.87 0.77
CA MET A 193 5.69 9.15 0.42
C MET A 193 5.59 9.77 -0.98
N GLU A 194 6.47 10.72 -1.32
CA GLU A 194 6.41 11.38 -2.63
C GLU A 194 6.70 10.40 -3.76
N LYS A 195 7.69 9.51 -3.57
CA LYS A 195 8.00 8.51 -4.60
C LYS A 195 6.82 7.55 -4.77
N ILE A 196 6.22 7.12 -3.65
CA ILE A 196 5.03 6.26 -3.72
C ILE A 196 3.87 6.98 -4.41
N LYS A 197 3.68 8.29 -4.13
CA LYS A 197 2.62 9.06 -4.81
C LYS A 197 2.85 9.11 -6.33
N SER A 198 4.11 9.14 -6.80
CA SER A 198 4.44 9.10 -8.25
C SER A 198 3.91 7.77 -8.84
N TYR A 199 4.08 6.67 -8.09
CA TYR A 199 3.59 5.36 -8.54
C TYR A 199 2.05 5.34 -8.52
N VAL A 200 1.45 5.90 -7.45
CA VAL A 200 -0.02 5.95 -7.33
C VAL A 200 -0.64 6.72 -8.50
N ASN A 201 0.03 7.78 -8.98
CA ASN A 201 -0.46 8.50 -10.16
C ASN A 201 -0.62 7.57 -11.39
N TYR A 202 0.32 6.64 -11.57
CA TYR A 202 0.26 5.69 -12.70
C TYR A 202 -0.91 4.73 -12.51
N VAL A 203 -1.13 4.25 -11.27
CA VAL A 203 -2.25 3.35 -10.96
C VAL A 203 -3.57 4.09 -11.23
N LEU A 204 -3.66 5.36 -10.78
CA LEU A 204 -4.85 6.19 -11.02
C LEU A 204 -5.15 6.32 -12.51
N SER A 205 -4.11 6.60 -13.33
N SER A 205 -4.12 6.59 -13.31
CA SER A 205 -4.26 6.75 -14.78
CA SER A 205 -4.32 6.74 -14.74
C SER A 205 -4.63 5.44 -15.49
C SER A 205 -4.79 5.44 -15.37
N GLU A 206 -4.20 4.32 -14.93
CA GLU A 206 -4.52 3.00 -15.45
C GLU A 206 -5.93 2.51 -15.08
N LYS A 207 -6.44 2.89 -13.90
CA LYS A 207 -7.75 2.37 -13.43
C LYS A 207 -8.87 3.40 -13.58
N SER A 208 -8.56 4.60 -14.08
CA SER A 208 -9.59 5.65 -14.27
C SER A 208 -10.59 5.20 -15.35
N SER A 209 -10.17 4.28 -16.23
CA SER A 209 -11.07 3.78 -17.31
CA SER A 209 -11.07 3.78 -17.31
C SER A 209 -11.89 2.54 -16.92
N THR A 210 -11.87 2.23 -15.63
CA THR A 210 -12.65 1.06 -15.15
C THR A 210 -14.15 1.34 -15.29
N PHE A 211 -14.97 0.30 -15.39
CA PHE A 211 -16.42 0.44 -15.68
C PHE A 211 -17.18 1.41 -14.77
N LEU A 212 -17.18 1.17 -13.46
CA LEU A 212 -18.03 1.99 -12.56
C LEU A 212 -17.64 3.47 -12.64
N MET A 213 -16.34 3.76 -12.58
CA MET A 213 -15.88 5.18 -12.59
C MET A 213 -16.25 5.83 -13.93
N LYS A 214 -16.04 5.12 -15.05
CA LYS A 214 -16.39 5.67 -16.39
C LYS A 214 -17.88 5.98 -16.45
N ALA A 215 -18.72 5.04 -16.01
CA ALA A 215 -20.19 5.23 -16.06
C ALA A 215 -20.61 6.41 -15.16
N ALA A 216 -20.05 6.49 -13.96
CA ALA A 216 -20.38 7.59 -13.02
C ALA A 216 -19.93 8.93 -13.60
N ALA A 217 -18.73 8.97 -14.19
CA ALA A 217 -18.20 10.22 -14.77
C ALA A 217 -19.11 10.68 -15.92
N LYS A 218 -19.53 9.73 -16.76
CA LYS A 218 -20.41 10.08 -17.92
C LYS A 218 -21.72 10.70 -17.40
N VAL A 219 -22.29 10.13 -16.34
CA VAL A 219 -23.55 10.68 -15.75
C VAL A 219 -23.29 12.11 -15.25
N VAL A 220 -22.21 12.31 -14.51
CA VAL A 220 -21.92 13.66 -13.94
C VAL A 220 -21.74 14.64 -15.09
N GLU A 221 -21.00 14.25 -16.14
CA GLU A 221 -20.77 15.12 -17.31
C GLU A 221 -22.09 15.39 -18.03
N SER A 222 -22.95 14.39 -18.14
CA SER A 222 -24.26 14.53 -18.85
C SER A 222 -25.13 15.60 -18.17
N LYS A 223 -24.93 15.83 -16.88
CA LYS A 223 -25.78 16.80 -16.12
C LYS A 223 -25.14 18.18 -16.11
N ARG A 224 -24.02 18.35 -16.83
CA ARG A 224 -23.35 19.67 -16.90
C ARG A 224 -23.85 20.41 -18.14
#